data_2X9F
#
_entry.id   2X9F
#
_cell.length_a   47.120
_cell.length_b   52.479
_cell.length_c   61.369
_cell.angle_alpha   90.00
_cell.angle_beta   112.05
_cell.angle_gamma   90.00
#
_symmetry.space_group_name_H-M   'P 1 21 1'
#
loop_
_entity.id
_entity.type
_entity.pdbx_description
1 polymer 'EPHRIN TYPE-B RECEPTOR 4'
2 non-polymer N^4^-1H-INDAZOL-4-YL-N^2^-[3-(METHYLSULFONYL)PHENYL]PYRIMIDINE-2,4-DIAMINE
3 non-polymer 'MAGNESIUM ION'
4 water water
#
_entity_poly.entity_id   1
_entity_poly.type   'polypeptide(L)'
_entity_poly.pdbx_seq_one_letter_code
;DPNEAVREFAKEIDVSYVKIEEVIGAGEFGEVCRGRLKAPGKKESCVAIKTLKGGYTERQRREFLSEASIMGQFEHPNII
RLEGVVTNSMPVMILTEFMENGALDSFLRLNDGQFTVIQLVGMLRGIASGMRYLAEMSYVHRDLAARNILVNSNLVCKVS
DFGLSRFLEENSSDPTETSSLGGKIPIRWTAPEAIAFRKFTSASDAWSYGIVMWEVMSFGERPYWDMSNQDVINAIEQDY
RLPPPPDCPTSLHQLMLDCWQKDRNARPRFPQVVSALDKMIRNPASLKIVARENGGASHPLL
;
_entity_poly.pdbx_strand_id   A
#
# COMPACT_ATOMS: atom_id res chain seq x y z
N LYS A 11 9.02 20.03 -6.86
CA LYS A 11 10.30 20.26 -6.12
C LYS A 11 11.48 19.73 -6.95
N GLU A 12 11.90 20.50 -7.95
CA GLU A 12 13.08 20.12 -8.72
C GLU A 12 14.30 20.16 -7.80
N ILE A 13 15.08 19.08 -7.77
CA ILE A 13 16.27 19.04 -6.93
C ILE A 13 17.52 18.97 -7.80
N ASP A 14 18.48 19.83 -7.48
CA ASP A 14 19.77 19.87 -8.14
C ASP A 14 20.45 18.51 -7.96
N VAL A 15 20.83 17.90 -9.08
CA VAL A 15 21.34 16.54 -9.06
C VAL A 15 22.62 16.40 -8.23
N SER A 16 23.36 17.50 -8.09
CA SER A 16 24.55 17.54 -7.22
C SER A 16 24.22 17.34 -5.74
N TYR A 17 22.96 17.53 -5.35
CA TYR A 17 22.54 17.30 -3.96
C TYR A 17 22.33 15.82 -3.63
N VAL A 18 22.34 14.97 -4.65
CA VAL A 18 21.98 13.57 -4.52
C VAL A 18 23.18 12.65 -4.70
N LYS A 19 23.42 11.81 -3.70
CA LYS A 19 24.35 10.69 -3.79
C LYS A 19 23.55 9.37 -3.80
N ILE A 20 23.63 8.60 -4.88
CA ILE A 20 23.02 7.26 -4.95
C ILE A 20 23.96 6.27 -4.29
N GLU A 21 23.47 5.45 -3.38
CA GLU A 21 24.34 4.55 -2.58
C GLU A 21 24.26 3.05 -2.90
N GLU A 22 23.09 2.55 -3.27
CA GLU A 22 22.93 1.14 -3.64
C GLU A 22 21.58 0.92 -4.27
N VAL A 23 21.51 -0.07 -5.16
CA VAL A 23 20.24 -0.50 -5.72
C VAL A 23 19.57 -1.40 -4.68
N ILE A 24 18.32 -1.09 -4.33
CA ILE A 24 17.59 -1.84 -3.31
C ILE A 24 16.36 -2.58 -3.83
N GLY A 25 15.97 -2.32 -5.08
CA GLY A 25 14.84 -3.01 -5.64
C GLY A 25 14.61 -2.67 -7.08
N ALA A 26 13.48 -3.13 -7.61
CA ALA A 26 13.04 -2.81 -8.97
C ALA A 26 11.57 -2.39 -8.99
N GLY A 27 11.29 -1.33 -9.76
CA GLY A 27 9.92 -0.88 -10.00
C GLY A 27 9.48 -1.17 -11.42
N GLU A 28 8.28 -0.71 -11.77
CA GLU A 28 7.73 -0.97 -13.10
C GLU A 28 8.38 -0.16 -14.26
N PHE A 29 9.08 0.92 -13.92
CA PHE A 29 9.76 1.78 -14.90
C PHE A 29 11.30 1.72 -14.79
N GLY A 30 11.84 1.01 -13.80
CA GLY A 30 13.29 1.02 -13.56
C GLY A 30 13.69 0.65 -12.15
N GLU A 31 14.92 1.02 -11.77
CA GLU A 31 15.49 0.67 -10.47
C GLU A 31 14.97 1.52 -9.31
N VAL A 32 15.07 0.95 -8.13
CA VAL A 32 14.86 1.66 -6.86
C VAL A 32 16.20 1.59 -6.11
N CYS A 33 16.68 2.75 -5.71
CA CYS A 33 17.96 2.90 -5.02
C CYS A 33 17.78 3.59 -3.66
N ARG A 34 18.77 3.37 -2.79
CA ARG A 34 18.88 4.13 -1.56
C ARG A 34 19.93 5.21 -1.82
N GLY A 35 19.70 6.39 -1.28
CA GLY A 35 20.66 7.49 -1.43
C GLY A 35 20.61 8.47 -0.27
N ARG A 36 21.35 9.57 -0.43
CA ARG A 36 21.43 10.66 0.55
C ARG A 36 21.20 11.97 -0.18
N LEU A 37 20.39 12.82 0.43
CA LEU A 37 20.07 14.12 -0.13
C LEU A 37 20.58 15.16 0.86
N LYS A 38 21.37 16.11 0.37
CA LYS A 38 21.83 17.24 1.19
C LYS A 38 21.61 18.53 0.39
N ALA A 39 20.64 19.32 0.82
CA ALA A 39 20.35 20.63 0.20
C ALA A 39 20.68 21.77 1.16
N PRO A 40 21.09 22.95 0.63
CA PRO A 40 21.39 24.12 1.47
C PRO A 40 20.24 24.46 2.40
N GLY A 41 20.54 24.67 3.68
CA GLY A 41 19.52 24.98 4.69
C GLY A 41 18.93 23.78 5.42
N LYS A 42 19.09 22.57 4.87
CA LYS A 42 18.50 21.36 5.44
C LYS A 42 19.57 20.36 5.83
N LYS A 43 19.32 19.59 6.89
CA LYS A 43 20.21 18.51 7.28
C LYS A 43 20.13 17.42 6.22
N GLU A 44 21.19 16.64 6.12
CA GLU A 44 21.24 15.51 5.20
C GLU A 44 20.20 14.46 5.62
N SER A 45 19.48 13.94 4.64
CA SER A 45 18.49 12.88 4.91
C SER A 45 18.74 11.67 4.04
N CYS A 46 18.30 10.51 4.50
CA CYS A 46 18.30 9.31 3.68
C CYS A 46 17.09 9.37 2.74
N VAL A 47 17.28 8.96 1.49
CA VAL A 47 16.19 8.95 0.50
C VAL A 47 16.12 7.61 -0.22
N ALA A 48 14.91 7.29 -0.66
CA ALA A 48 14.70 6.28 -1.68
C ALA A 48 14.57 7.00 -3.03
N ILE A 49 15.01 6.34 -4.10
CA ILE A 49 15.05 6.97 -5.44
C ILE A 49 14.53 6.00 -6.50
N LYS A 50 13.43 6.35 -7.17
CA LYS A 50 13.02 5.65 -8.40
C LYS A 50 13.69 6.35 -9.55
N THR A 51 14.27 5.59 -10.47
CA THR A 51 14.90 6.17 -11.66
C THR A 51 14.17 5.70 -12.91
N LEU A 52 14.15 6.54 -13.94
CA LEU A 52 13.62 6.18 -15.26
C LEU A 52 14.76 6.14 -16.28
N TYR A 56 12.41 5.33 -23.29
CA TYR A 56 11.01 5.59 -22.95
C TYR A 56 10.45 6.75 -23.78
N THR A 57 9.14 6.72 -24.00
CA THR A 57 8.45 7.77 -24.76
C THR A 57 8.16 8.97 -23.83
N GLU A 58 7.72 10.08 -24.42
CA GLU A 58 7.31 11.24 -23.62
C GLU A 58 6.06 10.93 -22.76
N ARG A 59 5.14 10.14 -23.29
CA ARG A 59 3.97 9.72 -22.53
C ARG A 59 4.40 8.89 -21.30
N GLN A 60 5.34 7.97 -21.49
CA GLN A 60 5.83 7.16 -20.37
C GLN A 60 6.54 8.02 -19.32
N ARG A 61 7.35 8.97 -19.77
CA ARG A 61 7.96 9.94 -18.85
C ARG A 61 6.89 10.68 -18.03
N ARG A 62 5.86 11.20 -18.71
CA ARG A 62 4.79 11.91 -18.00
C ARG A 62 4.02 10.99 -17.03
N GLU A 63 3.75 9.76 -17.45
CA GLU A 63 3.15 8.79 -16.53
C GLU A 63 4.00 8.52 -15.30
N PHE A 64 5.32 8.31 -15.52
CA PHE A 64 6.27 8.11 -14.41
C PHE A 64 6.20 9.27 -13.42
N LEU A 65 6.34 10.48 -13.95
CA LEU A 65 6.38 11.70 -13.14
C LEU A 65 5.07 12.05 -12.47
N SER A 66 3.96 11.52 -12.97
CA SER A 66 2.65 11.78 -12.34
C SER A 66 2.62 11.26 -10.90
N GLU A 67 3.44 10.23 -10.61
CA GLU A 67 3.59 9.80 -9.23
C GLU A 67 4.03 10.97 -8.35
N ALA A 68 5.10 11.67 -8.75
CA ALA A 68 5.63 12.81 -7.98
C ALA A 68 4.59 13.92 -7.90
N SER A 69 3.91 14.20 -9.00
CA SER A 69 2.89 15.27 -9.04
C SER A 69 1.86 15.08 -7.95
N ILE A 70 1.33 13.85 -7.87
CA ILE A 70 0.32 13.55 -6.86
C ILE A 70 0.92 13.36 -5.44
N MET A 71 2.06 12.66 -5.31
CA MET A 71 2.66 12.47 -3.97
C MET A 71 3.01 13.78 -3.30
N GLY A 72 3.51 14.74 -4.07
CA GLY A 72 3.83 16.08 -3.59
C GLY A 72 2.66 16.87 -3.00
N GLN A 73 1.44 16.43 -3.32
CA GLN A 73 0.20 17.06 -2.85
C GLN A 73 -0.32 16.42 -1.58
N PHE A 74 0.32 15.33 -1.15
CA PHE A 74 -0.08 14.65 0.09
C PHE A 74 0.87 14.98 1.23
N GLU A 75 0.33 15.02 2.44
CA GLU A 75 1.11 15.20 3.65
C GLU A 75 0.38 14.47 4.78
N HIS A 76 0.90 13.32 5.19
CA HIS A 76 0.24 12.47 6.15
C HIS A 76 1.26 11.45 6.65
N PRO A 77 1.24 11.15 7.95
CA PRO A 77 2.29 10.25 8.50
C PRO A 77 2.28 8.80 7.96
N ASN A 78 1.17 8.39 7.34
CA ASN A 78 1.04 7.06 6.75
C ASN A 78 1.02 7.10 5.20
N ILE A 79 1.60 8.14 4.62
CA ILE A 79 1.74 8.26 3.17
C ILE A 79 3.20 8.66 2.93
N ILE A 80 3.93 7.96 2.04
CA ILE A 80 5.32 8.35 1.83
C ILE A 80 5.43 9.78 1.31
N ARG A 81 6.40 10.49 1.85
CA ARG A 81 6.66 11.89 1.56
C ARG A 81 7.63 12.05 0.39
N LEU A 82 7.24 12.92 -0.53
CA LEU A 82 8.07 13.31 -1.65
C LEU A 82 9.12 14.30 -1.19
N GLU A 83 10.37 14.04 -1.55
CA GLU A 83 11.47 14.98 -1.32
C GLU A 83 11.69 15.84 -2.55
N GLY A 84 11.61 15.22 -3.72
CA GLY A 84 11.73 15.98 -4.95
C GLY A 84 11.88 15.11 -6.17
N VAL A 85 12.18 15.79 -7.28
CA VAL A 85 12.38 15.13 -8.54
C VAL A 85 13.64 15.71 -9.22
N VAL A 86 14.23 14.90 -10.08
CA VAL A 86 15.27 15.33 -11.01
C VAL A 86 14.70 15.07 -12.41
N THR A 87 14.47 16.16 -13.15
CA THR A 87 13.95 16.08 -14.52
C THR A 87 14.89 16.73 -15.57
N ASN A 88 15.90 17.46 -15.13
CA ASN A 88 16.78 18.20 -16.06
C ASN A 88 18.00 17.39 -16.50
N SER A 89 18.16 16.20 -15.96
CA SER A 89 19.25 15.33 -16.34
C SER A 89 18.75 13.89 -16.39
N MET A 90 19.62 12.98 -16.83
CA MET A 90 19.28 11.58 -16.97
C MET A 90 20.17 10.77 -16.02
N PRO A 91 19.60 9.76 -15.34
CA PRO A 91 18.19 9.39 -15.41
C PRO A 91 17.30 10.40 -14.66
N VAL A 92 16.01 10.41 -15.00
CA VAL A 92 15.06 11.22 -14.25
C VAL A 92 14.76 10.44 -12.99
N MET A 93 14.51 11.17 -11.90
CA MET A 93 14.41 10.54 -10.59
C MET A 93 13.23 11.07 -9.79
N ILE A 94 12.65 10.19 -8.97
CA ILE A 94 11.71 10.56 -7.93
C ILE A 94 12.35 10.23 -6.61
N LEU A 95 12.50 11.21 -5.73
CA LEU A 95 13.14 11.01 -4.44
C LEU A 95 12.12 11.13 -3.33
N THR A 96 12.08 10.11 -2.45
CA THR A 96 11.20 10.12 -1.31
C THR A 96 11.95 9.87 -0.01
N GLU A 97 11.24 10.01 1.11
CA GLU A 97 11.76 9.57 2.38
C GLU A 97 12.09 8.08 2.24
N PHE A 98 13.05 7.61 3.02
CA PHE A 98 13.51 6.21 2.98
C PHE A 98 12.86 5.42 4.13
N MET A 99 12.22 4.31 3.76
CA MET A 99 11.60 3.38 4.68
C MET A 99 12.52 2.16 4.77
N GLU A 100 13.21 2.07 5.90
CA GLU A 100 14.34 1.14 6.09
C GLU A 100 13.98 -0.34 5.96
N ASN A 101 12.72 -0.68 6.26
CA ASN A 101 12.29 -2.08 6.24
C ASN A 101 11.56 -2.52 4.99
N GLY A 102 11.45 -1.64 3.99
CA GLY A 102 10.96 -2.03 2.69
C GLY A 102 9.49 -2.44 2.66
N ALA A 103 9.16 -3.36 1.76
CA ALA A 103 7.76 -3.74 1.53
C ALA A 103 7.24 -4.62 2.66
N LEU A 104 5.98 -4.38 3.03
CA LEU A 104 5.37 -5.01 4.19
C LEU A 104 5.16 -6.51 4.02
N ASP A 105 4.81 -6.96 2.82
CA ASP A 105 4.62 -8.40 2.59
C ASP A 105 5.93 -9.19 2.83
N SER A 106 7.03 -8.70 2.29
CA SER A 106 8.30 -9.39 2.48
C SER A 106 8.83 -9.20 3.92
N PHE A 107 8.61 -8.02 4.50
CA PHE A 107 9.03 -7.73 5.89
C PHE A 107 8.31 -8.70 6.83
N LEU A 108 7.03 -8.95 6.56
CA LEU A 108 6.27 -9.86 7.41
C LEU A 108 6.67 -11.32 7.24
N ARG A 109 7.02 -11.73 6.01
CA ARG A 109 7.50 -13.10 5.80
C ARG A 109 8.82 -13.35 6.57
N LEU A 110 9.70 -12.36 6.56
CA LEU A 110 10.96 -12.46 7.26
C LEU A 110 10.71 -12.54 8.79
N ASN A 111 9.61 -11.92 9.23
CA ASN A 111 9.24 -11.79 10.63
C ASN A 111 8.03 -12.63 10.97
N ASP A 112 7.88 -13.74 10.26
CA ASP A 112 6.71 -14.61 10.42
C ASP A 112 6.50 -15.05 11.87
N GLY A 113 5.29 -14.79 12.37
CA GLY A 113 4.88 -15.08 13.74
C GLY A 113 5.56 -14.29 14.85
N GLN A 114 6.31 -13.24 14.49
CA GLN A 114 7.16 -12.52 15.46
C GLN A 114 6.62 -11.22 16.03
N PHE A 115 5.48 -10.76 15.50
CA PHE A 115 4.79 -9.59 16.03
C PHE A 115 3.47 -10.04 16.63
N THR A 116 3.05 -9.31 17.67
CA THR A 116 1.83 -9.65 18.39
C THR A 116 0.64 -9.14 17.59
N VAL A 117 -0.54 -9.66 17.94
CA VAL A 117 -1.78 -9.21 17.32
C VAL A 117 -1.92 -7.71 17.44
N ILE A 118 -1.59 -7.16 18.61
CA ILE A 118 -1.71 -5.72 18.82
C ILE A 118 -0.80 -4.92 17.88
N GLN A 119 0.42 -5.42 17.66
CA GLN A 119 1.34 -4.79 16.73
C GLN A 119 0.81 -4.86 15.32
N LEU A 120 0.26 -5.99 14.93
CA LEU A 120 -0.29 -6.14 13.57
C LEU A 120 -1.50 -5.22 13.36
N VAL A 121 -2.33 -5.08 14.39
CA VAL A 121 -3.48 -4.18 14.31
C VAL A 121 -3.00 -2.72 14.16
N GLY A 122 -1.95 -2.36 14.87
CA GLY A 122 -1.33 -1.04 14.74
C GLY A 122 -0.85 -0.76 13.34
N MET A 123 -0.24 -1.75 12.70
CA MET A 123 0.13 -1.62 11.31
C MET A 123 -1.10 -1.40 10.42
N LEU A 124 -2.14 -2.21 10.62
CA LEU A 124 -3.38 -2.07 9.85
C LEU A 124 -4.04 -0.72 10.10
N ARG A 125 -3.93 -0.23 11.32
CA ARG A 125 -4.51 1.07 11.65
C ARG A 125 -3.76 2.19 10.91
N GLY A 126 -2.44 2.09 10.80
CA GLY A 126 -1.65 3.05 10.04
C GLY A 126 -2.06 3.08 8.58
N ILE A 127 -2.17 1.89 7.99
CA ILE A 127 -2.53 1.76 6.59
C ILE A 127 -3.94 2.33 6.39
N ALA A 128 -4.87 2.01 7.31
CA ALA A 128 -6.26 2.50 7.20
C ALA A 128 -6.31 4.03 7.34
N SER A 129 -5.44 4.60 8.18
CA SER A 129 -5.39 6.07 8.35
C SER A 129 -4.90 6.72 7.04
N GLY A 130 -3.86 6.14 6.44
CA GLY A 130 -3.38 6.59 5.11
C GLY A 130 -4.48 6.57 4.06
N MET A 131 -5.21 5.46 4.00
CA MET A 131 -6.35 5.34 3.08
C MET A 131 -7.50 6.30 3.36
N ARG A 132 -7.82 6.52 4.62
CA ARG A 132 -8.80 7.51 5.03
C ARG A 132 -8.46 8.90 4.49
N TYR A 133 -7.19 9.23 4.54
CA TYR A 133 -6.68 10.49 4.02
C TYR A 133 -6.80 10.57 2.50
N LEU A 134 -6.39 9.50 1.82
CA LEU A 134 -6.49 9.44 0.36
C LEU A 134 -7.95 9.57 -0.08
N ALA A 135 -8.83 8.81 0.57
CA ALA A 135 -10.26 8.89 0.28
C ALA A 135 -10.80 10.30 0.51
N GLU A 136 -10.38 10.93 1.61
CA GLU A 136 -10.75 12.31 1.92
C GLU A 136 -10.30 13.30 0.82
N MET A 137 -9.14 13.02 0.21
CA MET A 137 -8.60 13.81 -0.91
C MET A 137 -9.13 13.37 -2.31
N SER A 138 -10.13 12.48 -2.33
CA SER A 138 -10.71 11.91 -3.54
C SER A 138 -9.69 11.15 -4.41
N TYR A 139 -8.65 10.64 -3.77
CA TYR A 139 -7.67 9.82 -4.47
C TYR A 139 -8.00 8.35 -4.29
N VAL A 140 -8.28 7.68 -5.42
CA VAL A 140 -8.51 6.24 -5.46
C VAL A 140 -7.19 5.56 -5.82
N HIS A 141 -6.72 4.67 -4.95
CA HIS A 141 -5.39 4.11 -5.11
C HIS A 141 -5.28 3.11 -6.25
N ARG A 142 -6.23 2.16 -6.29
CA ARG A 142 -6.35 1.11 -7.32
C ARG A 142 -5.39 -0.10 -7.19
N ASP A 143 -4.32 0.03 -6.41
CA ASP A 143 -3.33 -1.05 -6.26
C ASP A 143 -2.94 -1.19 -4.79
N LEU A 144 -3.96 -1.18 -3.94
CA LEU A 144 -3.72 -1.32 -2.52
C LEU A 144 -3.44 -2.79 -2.20
N ALA A 145 -2.21 -3.05 -1.77
CA ALA A 145 -1.67 -4.40 -1.57
C ALA A 145 -0.53 -4.27 -0.58
N ALA A 146 -0.29 -5.32 0.20
CA ALA A 146 0.81 -5.24 1.18
C ALA A 146 2.16 -4.90 0.56
N ARG A 147 2.39 -5.37 -0.67
CA ARG A 147 3.61 -5.05 -1.40
C ARG A 147 3.82 -3.55 -1.66
N ASN A 148 2.75 -2.76 -1.58
CA ASN A 148 2.80 -1.31 -1.76
C ASN A 148 2.73 -0.52 -0.44
N ILE A 149 2.82 -1.22 0.68
CA ILE A 149 2.97 -0.59 1.97
C ILE A 149 4.44 -0.75 2.39
N LEU A 150 5.06 0.36 2.76
CA LEU A 150 6.46 0.40 3.18
C LEU A 150 6.51 0.62 4.67
N VAL A 151 7.56 0.07 5.28
CA VAL A 151 7.62 0.01 6.73
C VAL A 151 8.94 0.64 7.20
N ASN A 152 8.87 1.61 8.14
CA ASN A 152 10.08 2.32 8.61
C ASN A 152 10.62 1.61 9.83
N SER A 153 11.64 2.20 10.47
CA SER A 153 12.31 1.51 11.59
C SER A 153 11.40 1.24 12.82
N ASN A 154 10.40 2.10 13.05
CA ASN A 154 9.49 1.94 14.22
C ASN A 154 8.15 1.17 13.92
N LEU A 155 8.15 0.36 12.86
CA LEU A 155 6.98 -0.37 12.35
C LEU A 155 5.87 0.54 11.83
N VAL A 156 6.19 1.80 11.57
CA VAL A 156 5.24 2.71 10.93
C VAL A 156 5.05 2.30 9.47
N CYS A 157 3.78 2.12 9.09
CA CYS A 157 3.40 1.67 7.75
C CYS A 157 2.94 2.86 6.93
N LYS A 158 3.44 2.95 5.69
CA LYS A 158 3.05 4.03 4.81
C LYS A 158 2.66 3.54 3.45
N VAL A 159 1.57 4.10 2.93
CA VAL A 159 1.11 3.79 1.60
C VAL A 159 2.08 4.39 0.58
N SER A 160 2.36 3.61 -0.47
CA SER A 160 3.23 3.99 -1.58
C SER A 160 2.57 3.63 -2.90
N ASP A 161 3.31 3.76 -4.02
CA ASP A 161 2.82 3.40 -5.36
C ASP A 161 1.66 4.29 -5.82
N PHE A 162 2.00 5.54 -6.12
CA PHE A 162 1.03 6.53 -6.59
C PHE A 162 1.23 6.79 -8.09
N GLY A 163 0.21 7.36 -8.70
CA GLY A 163 0.30 7.66 -10.12
C GLY A 163 -1.07 7.93 -10.69
N LEU A 164 -1.09 8.62 -11.83
CA LEU A 164 -2.35 9.02 -12.44
C LEU A 164 -2.61 8.27 -13.75
N SER A 165 -1.76 7.30 -14.10
CA SER A 165 -1.97 6.52 -15.31
C SER A 165 -3.13 5.54 -15.10
N ARG A 166 -3.75 5.12 -16.19
CA ARG A 166 -4.79 4.09 -16.17
C ARG A 166 -4.11 2.76 -16.37
N PHE A 167 -4.72 1.70 -15.85
CA PHE A 167 -4.29 0.35 -16.17
C PHE A 167 -4.57 0.12 -17.67
N LEU A 168 -3.79 -0.78 -18.26
CA LEU A 168 -4.02 -1.22 -19.67
C LEU A 168 -5.48 -1.62 -19.96
N GLY A 182 1.13 2.23 -16.56
CA GLY A 182 -0.24 1.86 -16.21
C GLY A 182 -0.37 0.58 -15.41
N GLY A 183 0.29 -0.49 -15.84
CA GLY A 183 0.20 -1.78 -15.15
C GLY A 183 -1.06 -2.53 -15.56
N LYS A 184 -1.15 -3.78 -15.11
CA LYS A 184 -2.33 -4.60 -15.35
C LYS A 184 -3.15 -4.62 -14.04
N ILE A 185 -4.46 -4.73 -14.20
CA ILE A 185 -5.36 -4.70 -13.04
C ILE A 185 -4.87 -5.82 -12.10
N PRO A 186 -4.66 -5.50 -10.81
CA PRO A 186 -4.17 -6.52 -9.87
C PRO A 186 -5.31 -7.37 -9.36
N ILE A 187 -5.58 -8.44 -10.08
CA ILE A 187 -6.83 -9.20 -9.92
C ILE A 187 -7.10 -9.61 -8.48
N ARG A 188 -6.10 -10.19 -7.82
CA ARG A 188 -6.27 -10.75 -6.45
C ARG A 188 -6.65 -9.72 -5.38
N TRP A 189 -6.34 -8.45 -5.65
CA TRP A 189 -6.62 -7.35 -4.75
C TRP A 189 -7.84 -6.50 -5.15
N THR A 190 -8.45 -6.82 -6.29
CA THR A 190 -9.41 -5.89 -6.92
C THR A 190 -10.85 -6.32 -6.68
N ALA A 191 -11.70 -5.37 -6.27
CA ALA A 191 -13.10 -5.63 -6.06
C ALA A 191 -13.77 -6.12 -7.35
N PRO A 192 -14.80 -6.98 -7.20
CA PRO A 192 -15.45 -7.61 -8.37
C PRO A 192 -16.05 -6.63 -9.39
N GLU A 193 -16.62 -5.53 -8.91
CA GLU A 193 -17.18 -4.53 -9.82
C GLU A 193 -16.10 -3.72 -10.55
N ALA A 194 -14.92 -3.61 -9.94
CA ALA A 194 -13.81 -2.94 -10.59
C ALA A 194 -13.21 -3.85 -11.64
N ILE A 195 -13.11 -5.15 -11.37
CA ILE A 195 -12.72 -6.14 -12.39
C ILE A 195 -13.71 -6.16 -13.57
N ALA A 196 -15.00 -6.28 -13.24
CA ALA A 196 -16.03 -6.45 -14.27
C ALA A 196 -16.25 -5.18 -15.08
N PHE A 197 -16.32 -4.03 -14.43
CA PHE A 197 -16.77 -2.79 -15.07
C PHE A 197 -15.74 -1.66 -15.06
N ARG A 198 -14.57 -1.92 -14.48
CA ARG A 198 -13.51 -0.92 -14.36
C ARG A 198 -13.96 0.38 -13.64
N LYS A 199 -14.89 0.22 -12.70
CA LYS A 199 -15.32 1.31 -11.84
C LYS A 199 -14.51 1.21 -10.54
N PHE A 200 -13.47 2.03 -10.46
CA PHE A 200 -12.61 2.08 -9.28
C PHE A 200 -13.02 3.24 -8.40
N THR A 201 -13.22 2.98 -7.12
CA THR A 201 -13.73 3.98 -6.18
C THR A 201 -13.01 3.71 -4.87
N SER A 202 -13.20 4.60 -3.90
CA SER A 202 -12.69 4.36 -2.57
C SER A 202 -13.34 3.10 -1.96
N ALA A 203 -14.57 2.77 -2.36
CA ALA A 203 -15.19 1.51 -1.94
C ALA A 203 -14.51 0.28 -2.53
N SER A 204 -14.02 0.33 -3.77
CA SER A 204 -13.23 -0.79 -4.27
C SER A 204 -11.86 -0.85 -3.54
N ASP A 205 -11.31 0.32 -3.19
CA ASP A 205 -10.11 0.34 -2.33
C ASP A 205 -10.39 -0.34 -0.97
N ALA A 206 -11.61 -0.21 -0.44
CA ALA A 206 -11.95 -0.81 0.84
C ALA A 206 -11.90 -2.34 0.71
N TRP A 207 -12.35 -2.88 -0.43
CA TRP A 207 -12.17 -4.31 -0.76
C TRP A 207 -10.68 -4.72 -0.68
N SER A 208 -9.84 -3.97 -1.38
CA SER A 208 -8.40 -4.19 -1.40
C SER A 208 -7.84 -4.10 0.00
N TYR A 209 -8.32 -3.15 0.79
CA TYR A 209 -7.87 -3.06 2.19
C TYR A 209 -8.15 -4.35 2.97
N GLY A 210 -9.32 -4.97 2.75
CA GLY A 210 -9.63 -6.25 3.39
C GLY A 210 -8.61 -7.31 2.99
N ILE A 211 -8.24 -7.33 1.72
CA ILE A 211 -7.16 -8.22 1.28
C ILE A 211 -5.84 -7.90 2.01
N VAL A 212 -5.50 -6.62 2.12
CA VAL A 212 -4.30 -6.26 2.86
C VAL A 212 -4.35 -6.75 4.31
N MET A 213 -5.50 -6.59 4.97
CA MET A 213 -5.66 -7.12 6.31
C MET A 213 -5.32 -8.62 6.35
N TRP A 214 -5.85 -9.37 5.39
CA TRP A 214 -5.61 -10.82 5.32
C TRP A 214 -4.13 -11.10 5.13
N GLU A 215 -3.47 -10.35 4.25
CA GLU A 215 -2.02 -10.47 4.05
C GLU A 215 -1.24 -10.22 5.34
N VAL A 216 -1.59 -9.15 6.06
CA VAL A 216 -0.90 -8.82 7.30
C VAL A 216 -1.08 -9.92 8.35
N MET A 217 -2.32 -10.39 8.53
CA MET A 217 -2.61 -11.39 9.56
C MET A 217 -2.06 -12.79 9.19
N SER A 218 -1.73 -12.99 7.92
N SER A 218 -1.75 -12.97 7.91
CA SER A 218 -1.12 -14.21 7.44
CA SER A 218 -1.12 -14.19 7.40
C SER A 218 0.40 -14.06 7.27
C SER A 218 0.40 -14.06 7.27
N PHE A 219 0.95 -12.97 7.78
CA PHE A 219 2.41 -12.67 7.70
C PHE A 219 2.97 -12.75 6.28
N GLY A 220 2.21 -12.17 5.35
CA GLY A 220 2.66 -12.04 3.98
C GLY A 220 2.48 -13.23 3.05
N GLU A 221 1.57 -14.15 3.38
CA GLU A 221 1.10 -15.13 2.43
C GLU A 221 0.47 -14.45 1.22
N ARG A 222 0.61 -15.09 0.04
CA ARG A 222 -0.02 -14.64 -1.20
C ARG A 222 -1.53 -14.84 -1.12
N PRO A 223 -2.32 -13.78 -1.35
CA PRO A 223 -3.77 -14.02 -1.37
C PRO A 223 -4.21 -15.07 -2.40
N TYR A 224 -5.05 -16.00 -1.96
CA TYR A 224 -5.53 -17.08 -2.82
C TYR A 224 -4.36 -17.84 -3.45
N TRP A 225 -3.37 -18.24 -2.64
CA TRP A 225 -2.09 -18.69 -3.22
C TRP A 225 -2.25 -19.90 -4.17
N ASP A 226 -3.25 -20.74 -3.91
CA ASP A 226 -3.53 -21.97 -4.64
C ASP A 226 -4.46 -21.79 -5.84
N MET A 227 -4.68 -20.54 -6.21
CA MET A 227 -5.59 -20.18 -7.30
C MET A 227 -4.91 -19.30 -8.33
N SER A 228 -5.26 -19.53 -9.60
CA SER A 228 -4.94 -18.59 -10.68
C SER A 228 -5.81 -17.34 -10.61
N ASN A 229 -5.45 -16.35 -11.40
CA ASN A 229 -6.23 -15.10 -11.48
C ASN A 229 -7.67 -15.42 -11.87
N GLN A 230 -7.84 -16.24 -12.90
CA GLN A 230 -9.20 -16.59 -13.32
C GLN A 230 -9.95 -17.35 -12.23
N ASP A 231 -9.23 -18.21 -11.48
CA ASP A 231 -9.86 -18.95 -10.38
C ASP A 231 -10.39 -17.97 -9.32
N VAL A 232 -9.63 -16.90 -9.07
CA VAL A 232 -10.04 -15.91 -8.07
C VAL A 232 -11.31 -15.19 -8.54
N ILE A 233 -11.33 -14.79 -9.80
CA ILE A 233 -12.48 -14.11 -10.36
C ILE A 233 -13.75 -14.99 -10.20
N ASN A 234 -13.64 -16.25 -10.60
CA ASN A 234 -14.75 -17.23 -10.56
C ASN A 234 -15.19 -17.53 -9.12
N ALA A 235 -14.21 -17.68 -8.23
CA ALA A 235 -14.47 -17.98 -6.81
C ALA A 235 -15.26 -16.88 -6.10
N ILE A 236 -14.81 -15.63 -6.25
CA ILE A 236 -15.46 -14.47 -5.65
C ILE A 236 -16.89 -14.34 -6.15
N GLU A 237 -17.06 -14.51 -7.46
CA GLU A 237 -18.40 -14.53 -8.06
C GLU A 237 -19.30 -15.63 -7.45
N GLN A 238 -18.70 -16.78 -7.11
CA GLN A 238 -19.39 -17.89 -6.46
C GLN A 238 -19.26 -17.88 -4.93
N ASP A 239 -19.09 -16.69 -4.35
CA ASP A 239 -19.27 -16.44 -2.91
C ASP A 239 -18.13 -16.89 -2.01
N TYR A 240 -17.04 -17.35 -2.63
CA TYR A 240 -15.86 -17.73 -1.86
C TYR A 240 -15.26 -16.46 -1.28
N ARG A 241 -14.79 -16.57 -0.03
CA ARG A 241 -13.98 -15.54 0.59
C ARG A 241 -12.83 -16.21 1.32
N LEU A 242 -11.70 -15.53 1.37
CA LEU A 242 -10.56 -16.04 2.12
C LEU A 242 -10.95 -16.36 3.58
N PRO A 243 -10.45 -17.50 4.10
CA PRO A 243 -10.69 -17.93 5.46
C PRO A 243 -9.86 -17.14 6.45
N PRO A 244 -10.19 -17.24 7.75
CA PRO A 244 -9.38 -16.58 8.74
C PRO A 244 -7.97 -17.15 8.73
N PRO A 245 -6.96 -16.29 8.67
CA PRO A 245 -5.62 -16.81 8.81
C PRO A 245 -5.42 -17.47 10.19
N PRO A 246 -4.40 -18.35 10.31
CA PRO A 246 -4.11 -18.98 11.59
C PRO A 246 -3.97 -17.97 12.71
N ASP A 247 -4.61 -18.27 13.84
CA ASP A 247 -4.59 -17.42 15.03
C ASP A 247 -5.23 -16.03 14.83
N CYS A 248 -5.88 -15.79 13.69
CA CYS A 248 -6.47 -14.47 13.45
C CYS A 248 -7.71 -14.26 14.31
N PRO A 249 -7.74 -13.15 15.08
CA PRO A 249 -8.95 -12.79 15.80
C PRO A 249 -10.19 -12.72 14.89
N THR A 250 -11.30 -13.29 15.37
CA THR A 250 -12.54 -13.31 14.58
C THR A 250 -13.06 -11.91 14.21
N SER A 251 -12.95 -10.95 15.12
CA SER A 251 -13.37 -9.57 14.83
C SER A 251 -12.60 -8.99 13.61
N LEU A 252 -11.32 -9.32 13.50
CA LEU A 252 -10.51 -8.90 12.35
C LEU A 252 -10.99 -9.61 11.08
N HIS A 253 -11.20 -10.92 11.14
CA HIS A 253 -11.75 -11.62 9.98
C HIS A 253 -13.15 -11.09 9.59
N GLN A 254 -13.99 -10.76 10.57
CA GLN A 254 -15.32 -10.19 10.26
C GLN A 254 -15.20 -8.85 9.53
N LEU A 255 -14.21 -8.05 9.93
CA LEU A 255 -13.97 -6.77 9.29
C LEU A 255 -13.50 -7.03 7.86
N MET A 256 -12.65 -8.04 7.64
CA MET A 256 -12.33 -8.47 6.26
C MET A 256 -13.61 -8.77 5.46
N LEU A 257 -14.48 -9.60 6.05
CA LEU A 257 -15.70 -10.04 5.37
C LEU A 257 -16.55 -8.82 5.05
N ASP A 258 -16.56 -7.84 5.94
CA ASP A 258 -17.31 -6.59 5.67
C ASP A 258 -16.72 -5.81 4.48
N CYS A 259 -15.38 -5.76 4.41
CA CYS A 259 -14.66 -5.16 3.26
C CYS A 259 -14.98 -5.90 1.93
N TRP A 260 -15.24 -7.18 2.04
CA TRP A 260 -15.48 -8.02 0.88
C TRP A 260 -16.97 -8.24 0.56
N GLN A 261 -17.83 -7.32 0.99
CA GLN A 261 -19.23 -7.39 0.54
C GLN A 261 -19.33 -7.13 -0.96
N LYS A 262 -20.17 -7.91 -1.63
CA LYS A 262 -20.37 -7.74 -3.08
C LYS A 262 -20.92 -6.35 -3.37
N ASP A 263 -21.86 -5.90 -2.56
CA ASP A 263 -22.43 -4.56 -2.70
C ASP A 263 -21.42 -3.55 -2.16
N ARG A 264 -20.84 -2.76 -3.07
CA ARG A 264 -19.81 -1.79 -2.69
C ARG A 264 -20.29 -0.75 -1.68
N ASN A 265 -21.57 -0.42 -1.73
CA ASN A 265 -22.14 0.57 -0.82
C ASN A 265 -22.32 0.02 0.59
N ALA A 266 -22.26 -1.30 0.77
CA ALA A 266 -22.33 -1.93 2.10
C ALA A 266 -20.98 -2.10 2.80
N ARG A 267 -19.88 -1.89 2.08
CA ARG A 267 -18.54 -1.99 2.67
C ARG A 267 -18.36 -0.77 3.59
N PRO A 268 -17.62 -0.93 4.69
CA PRO A 268 -17.32 0.23 5.54
C PRO A 268 -16.42 1.21 4.78
N ARG A 269 -16.61 2.50 5.03
CA ARG A 269 -15.71 3.52 4.54
C ARG A 269 -14.52 3.61 5.49
N PHE A 270 -13.45 4.22 5.01
CA PHE A 270 -12.19 4.25 5.78
C PHE A 270 -12.28 4.90 7.14
N PRO A 271 -13.13 5.93 7.31
CA PRO A 271 -13.29 6.42 8.69
C PRO A 271 -13.87 5.37 9.64
N GLN A 272 -14.82 4.56 9.16
CA GLN A 272 -15.39 3.48 9.95
C GLN A 272 -14.35 2.38 10.19
N VAL A 273 -13.50 2.11 9.18
CA VAL A 273 -12.43 1.11 9.35
C VAL A 273 -11.49 1.54 10.47
N VAL A 274 -11.00 2.79 10.42
CA VAL A 274 -10.07 3.25 11.44
C VAL A 274 -10.73 3.16 12.83
N SER A 275 -11.99 3.61 12.91
CA SER A 275 -12.72 3.60 14.16
C SER A 275 -12.89 2.17 14.69
N ALA A 276 -13.13 1.20 13.81
CA ALA A 276 -13.24 -0.21 14.23
C ALA A 276 -11.93 -0.75 14.82
N LEU A 277 -10.82 -0.43 14.17
CA LEU A 277 -9.49 -0.85 14.64
C LEU A 277 -9.13 -0.17 15.97
N ASP A 278 -9.46 1.12 16.10
CA ASP A 278 -9.18 1.86 17.35
C ASP A 278 -9.95 1.24 18.52
N LYS A 279 -11.17 0.78 18.26
CA LYS A 279 -12.00 0.14 19.30
C LYS A 279 -11.43 -1.24 19.73
N MET A 280 -10.90 -1.98 18.76
CA MET A 280 -10.18 -3.23 19.06
C MET A 280 -8.94 -2.97 19.92
N ILE A 281 -8.22 -1.91 19.59
CA ILE A 281 -7.01 -1.51 20.33
C ILE A 281 -7.37 -1.07 21.76
N ARG A 282 -8.54 -0.47 21.95
CA ARG A 282 -9.03 -0.09 23.28
C ARG A 282 -9.43 -1.29 24.12
N ASN A 283 -10.02 -2.29 23.45
CA ASN A 283 -10.56 -3.47 24.10
C ASN A 283 -9.84 -4.71 23.59
N PRO A 284 -8.55 -4.86 23.94
CA PRO A 284 -7.75 -5.96 23.39
C PRO A 284 -8.24 -7.36 23.77
N ALA A 285 -9.05 -7.45 24.82
CA ALA A 285 -9.69 -8.72 25.18
C ALA A 285 -10.52 -9.28 24.01
N SER A 286 -11.15 -8.38 23.25
CA SER A 286 -11.92 -8.75 22.05
C SER A 286 -11.06 -9.57 21.04
N LEU A 287 -9.78 -9.25 20.98
CA LEU A 287 -8.85 -9.88 20.02
C LEU A 287 -8.49 -11.33 20.39
N LYS A 288 -8.78 -11.75 21.62
CA LYS A 288 -8.47 -13.13 22.04
C LYS A 288 -9.43 -14.18 21.45
N ILE A 289 -10.62 -13.76 20.98
CA ILE A 289 -11.58 -14.70 20.37
C ILE A 289 -11.11 -15.06 18.95
N VAL A 290 -10.81 -16.35 18.74
CA VAL A 290 -10.26 -16.89 17.48
C VAL A 290 -11.00 -18.20 17.17
N ALA A 291 -11.07 -18.58 15.89
CA ALA A 291 -11.75 -19.85 15.50
C ALA A 291 -11.18 -21.04 16.25
#